data_6SUG
#
_entry.id   6SUG
#
_cell.length_a   43.012
_cell.length_b   85.559
_cell.length_c   64.529
_cell.angle_alpha   90.000
_cell.angle_beta   90.000
_cell.angle_gamma   90.000
#
_symmetry.space_group_name_H-M   'P 21 21 2'
#
loop_
_entity.id
_entity.type
_entity.pdbx_description
1 polymer Transthyretin
2 non-polymer 3-deoxytolcapone
3 water water
#
_entity_poly.entity_id   1
_entity_poly.type   'polypeptide(L)'
_entity_poly.pdbx_seq_one_letter_code
;MASHRLLLLCLAGLVFVSEAGPTGTGESKCPLMVKVLDAVRGSPAINVAVHVFRKAADDTWEPFASGKTSESGELHGLTT
EEEFVEGIYKVEIDTKSYWKALGISPFHEHAEVVFTANDSGPRRYTIAALLSPYSYSTTAVVTNPKE
;
_entity_poly.pdbx_strand_id   A,B
#
# COMPACT_ATOMS: atom_id res chain seq x y z
N CYS A 30 13.90 18.64 6.81
CA CYS A 30 12.85 17.65 6.96
C CYS A 30 12.99 16.54 5.95
N PRO A 31 13.49 15.39 6.41
CA PRO A 31 13.85 14.31 5.51
C PRO A 31 12.73 13.37 5.15
N LEU A 32 11.56 13.47 5.78
CA LEU A 32 10.42 12.63 5.44
C LEU A 32 9.17 13.48 5.47
N MET A 33 8.48 13.62 4.34
N MET A 33 8.46 13.58 4.35
CA MET A 33 7.25 14.41 4.21
CA MET A 33 7.23 14.35 4.28
C MET A 33 6.19 13.52 3.56
C MET A 33 6.19 13.51 3.56
N VAL A 34 4.92 13.70 3.94
CA VAL A 34 3.82 12.93 3.38
C VAL A 34 2.79 13.92 2.85
N LYS A 35 2.32 13.72 1.62
CA LYS A 35 1.32 14.57 0.97
C LYS A 35 0.19 13.68 0.48
N VAL A 36 -1.05 14.10 0.77
CA VAL A 36 -2.21 13.30 0.44
C VAL A 36 -3.25 14.18 -0.26
N LEU A 37 -3.77 13.68 -1.38
N LEU A 37 -3.78 13.66 -1.36
CA LEU A 37 -4.78 14.35 -2.18
CA LEU A 37 -4.77 14.34 -2.20
C LEU A 37 -6.05 13.50 -2.22
C LEU A 37 -6.04 13.49 -2.29
N ASP A 38 -7.18 14.17 -2.46
CA ASP A 38 -8.50 13.55 -2.55
C ASP A 38 -8.99 13.66 -4.00
N ALA A 39 -9.13 12.52 -4.66
CA ALA A 39 -9.53 12.45 -6.07
C ALA A 39 -11.03 12.60 -6.30
N VAL A 40 -11.81 12.54 -5.25
CA VAL A 40 -13.25 12.76 -5.38
C VAL A 40 -13.60 14.25 -5.35
N ARG A 41 -12.97 14.99 -4.47
CA ARG A 41 -13.23 16.43 -4.31
C ARG A 41 -12.28 17.33 -5.09
N GLY A 42 -11.15 16.80 -5.53
CA GLY A 42 -10.13 17.63 -6.20
C GLY A 42 -9.51 18.63 -5.24
N SER A 43 -9.02 18.11 -4.11
CA SER A 43 -8.57 18.94 -3.02
CA SER A 43 -8.58 18.94 -3.01
C SER A 43 -7.44 18.22 -2.30
N PRO A 44 -6.67 18.93 -1.48
CA PRO A 44 -5.88 18.23 -0.46
CA PRO A 44 -5.87 18.23 -0.48
C PRO A 44 -6.77 17.36 0.41
N ALA A 45 -6.20 16.27 0.91
CA ALA A 45 -6.88 15.42 1.90
C ALA A 45 -6.40 15.90 3.27
N ILE A 46 -7.30 16.58 3.99
N ILE A 46 -7.27 16.59 3.98
CA ILE A 46 -6.99 17.28 5.24
CA ILE A 46 -6.91 17.24 5.24
C ILE A 46 -7.26 16.35 6.41
C ILE A 46 -7.23 16.32 6.40
N ASN A 47 -6.45 16.45 7.45
CA ASN A 47 -6.70 15.70 8.68
CA ASN A 47 -6.64 15.71 8.69
C ASN A 47 -6.57 14.20 8.50
N VAL A 48 -5.69 13.75 7.62
CA VAL A 48 -5.40 12.32 7.44
C VAL A 48 -4.34 11.91 8.44
N ALA A 49 -4.65 10.91 9.27
CA ALA A 49 -3.68 10.40 10.22
C ALA A 49 -2.66 9.52 9.51
N VAL A 50 -1.40 9.65 9.92
CA VAL A 50 -0.27 8.92 9.33
C VAL A 50 0.58 8.38 10.48
N HIS A 51 0.89 7.09 10.45
CA HIS A 51 1.77 6.45 11.43
C HIS A 51 2.94 5.82 10.70
N VAL A 52 4.15 6.14 11.16
CA VAL A 52 5.39 5.64 10.56
C VAL A 52 6.00 4.65 11.56
N PHE A 53 6.47 3.52 11.03
CA PHE A 53 7.12 2.47 11.79
C PHE A 53 8.46 2.16 11.15
N ARG A 54 9.35 1.58 11.95
CA ARG A 54 10.68 1.19 11.50
C ARG A 54 10.94 -0.23 11.95
N LYS A 55 11.45 -1.05 11.06
CA LYS A 55 11.73 -2.44 11.43
C LYS A 55 12.92 -2.53 12.37
N ALA A 56 12.68 -3.14 13.53
CA ALA A 56 13.69 -3.25 14.57
C ALA A 56 14.55 -4.48 14.31
N ALA A 57 15.58 -4.64 15.16
CA ALA A 57 16.51 -5.74 15.01
C ALA A 57 15.84 -7.10 15.14
N ASP A 58 14.75 -7.18 15.93
CA ASP A 58 13.97 -8.40 16.11
C ASP A 58 12.93 -8.60 15.01
N ASP A 59 12.92 -7.76 13.98
CA ASP A 59 12.02 -7.84 12.82
C ASP A 59 10.59 -7.42 13.14
N THR A 60 10.34 -6.79 14.26
CA THR A 60 9.02 -6.22 14.52
C THR A 60 8.99 -4.77 14.04
N TRP A 61 7.77 -4.26 13.88
CA TRP A 61 7.54 -2.88 13.45
C TRP A 61 7.44 -1.97 14.67
N GLU A 62 8.45 -1.19 14.89
CA GLU A 62 8.48 -0.29 16.04
CA GLU A 62 8.47 -0.30 16.04
C GLU A 62 7.89 1.06 15.67
N PRO A 63 7.02 1.64 16.50
CA PRO A 63 6.51 2.98 16.20
CA PRO A 63 6.51 2.98 16.20
C PRO A 63 7.65 3.97 16.13
N PHE A 64 7.66 4.78 15.08
CA PHE A 64 8.74 5.73 14.79
C PHE A 64 8.28 7.17 14.84
N ALA A 65 7.16 7.53 14.23
CA ALA A 65 6.65 8.88 14.26
C ALA A 65 5.20 8.84 13.82
N SER A 66 4.44 9.88 14.14
CA SER A 66 3.07 9.99 13.63
C SER A 66 2.64 11.45 13.57
N GLY A 67 1.56 11.71 12.81
CA GLY A 67 1.06 13.07 12.67
C GLY A 67 -0.18 13.03 11.80
N LYS A 68 -0.68 14.21 11.45
CA LYS A 68 -1.78 14.26 10.50
CA LYS A 68 -1.85 14.35 10.59
C LYS A 68 -1.59 15.40 9.51
N THR A 69 -2.19 15.21 8.35
CA THR A 69 -2.03 16.20 7.28
C THR A 69 -2.72 17.51 7.62
N SER A 70 -2.11 18.59 7.21
CA SER A 70 -2.61 19.94 7.39
C SER A 70 -3.67 20.31 6.34
N GLU A 71 -4.09 21.58 6.35
N GLU A 71 -4.09 21.58 6.36
CA GLU A 71 -5.06 22.06 5.37
CA GLU A 71 -5.02 22.11 5.37
C GLU A 71 -4.50 22.04 3.93
C GLU A 71 -4.50 21.96 3.95
N SER A 72 -3.19 21.94 3.76
CA SER A 72 -2.59 21.77 2.45
C SER A 72 -2.45 20.30 2.04
N GLY A 73 -2.88 19.37 2.88
CA GLY A 73 -2.65 17.97 2.59
C GLY A 73 -1.28 17.46 2.93
N GLU A 74 -0.45 18.28 3.57
CA GLU A 74 0.93 17.92 3.84
C GLU A 74 1.17 17.66 5.31
N LEU A 75 2.14 16.80 5.57
CA LEU A 75 2.56 16.44 6.92
C LEU A 75 4.06 16.61 6.96
N HIS A 76 4.49 17.62 7.70
CA HIS A 76 5.88 18.01 7.94
C HIS A 76 6.23 17.68 9.38
N GLY A 77 7.53 17.60 9.66
CA GLY A 77 8.00 17.50 11.03
C GLY A 77 7.91 16.14 11.67
N LEU A 78 7.76 15.09 10.86
CA LEU A 78 7.73 13.75 11.44
C LEU A 78 9.01 13.40 12.16
N THR A 79 10.16 13.71 11.58
CA THR A 79 11.44 13.28 12.12
C THR A 79 12.55 14.29 11.81
N THR A 80 13.74 13.95 12.25
CA THR A 80 14.92 14.79 12.10
C THR A 80 15.95 14.01 11.30
N GLU A 81 16.92 14.72 10.71
CA GLU A 81 17.97 14.00 10.00
CA GLU A 81 18.00 14.03 10.00
C GLU A 81 18.72 13.06 10.93
N GLU A 82 18.96 13.47 12.19
CA GLU A 82 19.71 12.61 13.10
C GLU A 82 18.95 11.34 13.42
N GLU A 83 17.63 11.43 13.63
CA GLU A 83 16.87 10.26 14.04
CA GLU A 83 16.87 10.26 14.03
C GLU A 83 16.52 9.35 12.89
N PHE A 84 16.49 9.88 11.67
CA PHE A 84 16.03 9.13 10.50
C PHE A 84 17.21 8.36 9.89
N VAL A 85 17.62 7.32 10.58
CA VAL A 85 18.77 6.50 10.22
C VAL A 85 18.38 5.51 9.11
N GLU A 86 19.36 4.79 8.59
CA GLU A 86 19.06 3.72 7.66
CA GLU A 86 19.09 3.69 7.68
C GLU A 86 18.10 2.72 8.30
N GLY A 87 17.23 2.16 7.49
CA GLY A 87 16.34 1.12 7.96
C GLY A 87 15.23 0.91 6.96
N ILE A 88 14.35 -0.01 7.28
CA ILE A 88 13.14 -0.28 6.52
C ILE A 88 12.01 0.41 7.27
N TYR A 89 11.30 1.30 6.59
CA TYR A 89 10.23 2.10 7.16
C TYR A 89 8.90 1.77 6.51
N LYS A 90 7.85 1.85 7.31
CA LYS A 90 6.48 1.67 6.86
C LYS A 90 5.71 2.94 7.18
N VAL A 91 5.17 3.57 6.16
CA VAL A 91 4.29 4.74 6.29
C VAL A 91 2.87 4.25 6.08
N GLU A 92 2.09 4.30 7.16
N GLU A 92 2.09 4.26 7.17
CA GLU A 92 0.70 3.85 7.15
CA GLU A 92 0.70 3.84 7.15
C GLU A 92 -0.20 5.07 7.11
C GLU A 92 -0.16 5.10 7.08
N ILE A 93 -0.95 5.22 6.02
CA ILE A 93 -1.84 6.37 5.82
C ILE A 93 -3.25 5.86 6.13
N ASP A 94 -3.91 6.49 7.10
CA ASP A 94 -5.16 5.93 7.64
C ASP A 94 -6.35 6.38 6.80
N THR A 95 -6.45 5.77 5.61
CA THR A 95 -7.44 6.16 4.63
C THR A 95 -8.85 5.81 5.09
N LYS A 96 -9.05 4.66 5.75
CA LYS A 96 -10.41 4.31 6.17
CA LYS A 96 -10.41 4.31 6.17
C LYS A 96 -10.92 5.33 7.18
N SER A 97 -10.07 5.68 8.17
CA SER A 97 -10.43 6.69 9.18
C SER A 97 -10.75 8.01 8.51
N TYR A 98 -10.00 8.35 7.45
CA TYR A 98 -10.26 9.59 6.71
C TYR A 98 -11.62 9.56 6.04
N TRP A 99 -11.92 8.49 5.27
CA TRP A 99 -13.21 8.40 4.58
C TRP A 99 -14.37 8.27 5.60
N LYS A 100 -14.19 7.49 6.66
CA LYS A 100 -15.27 7.34 7.65
C LYS A 100 -15.57 8.65 8.37
N ALA A 101 -14.55 9.49 8.62
CA ALA A 101 -14.79 10.80 9.22
C ALA A 101 -15.60 11.71 8.32
N LEU A 102 -15.60 11.45 7.02
CA LEU A 102 -16.43 12.14 6.04
C LEU A 102 -17.73 11.42 5.80
N GLY A 103 -17.99 10.34 6.52
CA GLY A 103 -19.23 9.60 6.32
C GLY A 103 -19.22 8.98 4.93
N ILE A 104 -18.12 8.27 4.61
CA ILE A 104 -18.04 7.42 3.40
C ILE A 104 -17.50 6.05 3.84
N SER A 105 -18.09 4.98 3.29
CA SER A 105 -17.64 3.61 3.61
CA SER A 105 -17.62 3.62 3.61
C SER A 105 -16.63 3.14 2.57
N PRO A 106 -15.30 3.19 2.84
CA PRO A 106 -14.33 2.85 1.79
C PRO A 106 -13.91 1.38 1.74
N PHE A 107 -13.08 1.01 0.77
CA PHE A 107 -12.65 -0.39 0.65
C PHE A 107 -11.45 -0.75 1.53
N HIS A 108 -10.36 0.02 1.48
CA HIS A 108 -9.13 -0.36 2.16
CA HIS A 108 -9.11 -0.32 2.13
C HIS A 108 -9.15 0.06 3.61
N GLU A 109 -8.40 -0.67 4.41
CA GLU A 109 -8.18 -0.28 5.80
C GLU A 109 -7.24 0.93 5.90
N HIS A 110 -6.16 0.90 5.15
CA HIS A 110 -5.15 1.95 5.14
C HIS A 110 -4.31 1.72 3.90
N ALA A 111 -3.48 2.68 3.53
CA ALA A 111 -2.47 2.53 2.50
C ALA A 111 -1.14 2.40 3.23
N GLU A 112 -0.34 1.41 2.88
CA GLU A 112 0.93 1.12 3.54
C GLU A 112 2.02 1.31 2.49
N VAL A 113 3.03 2.08 2.81
CA VAL A 113 4.14 2.33 1.92
C VAL A 113 5.41 1.87 2.64
N VAL A 114 6.07 0.83 2.12
CA VAL A 114 7.18 0.17 2.81
C VAL A 114 8.43 0.29 1.95
N PHE A 115 9.52 0.82 2.51
CA PHE A 115 10.71 1.13 1.75
C PHE A 115 11.95 1.14 2.62
N THR A 116 13.09 0.83 2.02
CA THR A 116 14.39 1.04 2.64
C THR A 116 14.80 2.49 2.44
N ALA A 117 15.24 3.15 3.51
CA ALA A 117 15.66 4.54 3.45
C ALA A 117 17.11 4.66 3.87
N ASN A 118 17.79 5.62 3.22
CA ASN A 118 19.11 6.11 3.59
C ASN A 118 20.20 5.07 3.45
N ASP A 119 20.03 4.07 2.62
CA ASP A 119 21.06 3.03 2.52
CA ASP A 119 21.07 3.04 2.55
C ASP A 119 22.22 3.43 1.63
N SER A 120 22.12 4.55 0.91
CA SER A 120 23.23 5.14 0.17
C SER A 120 23.59 6.51 0.72
N GLY A 121 23.29 6.74 1.99
CA GLY A 121 23.48 8.01 2.64
C GLY A 121 22.16 8.73 2.77
N PRO A 122 22.16 9.85 3.49
CA PRO A 122 20.90 10.55 3.77
C PRO A 122 20.24 11.03 2.48
N ARG A 123 18.91 10.85 2.41
CA ARG A 123 18.10 11.41 1.35
C ARG A 123 16.88 12.05 1.96
N ARG A 124 16.20 12.84 1.13
CA ARG A 124 14.90 13.42 1.49
C ARG A 124 13.80 12.70 0.71
N TYR A 125 12.78 12.26 1.43
CA TYR A 125 11.69 11.48 0.88
C TYR A 125 10.37 12.21 1.01
N THR A 126 9.64 12.30 -0.10
CA THR A 126 8.25 12.71 -0.09
C THR A 126 7.42 11.51 -0.53
N ILE A 127 6.52 11.08 0.33
CA ILE A 127 5.57 10.03 0.00
C ILE A 127 4.24 10.69 -0.30
N ALA A 128 3.78 10.55 -1.53
CA ALA A 128 2.54 11.14 -1.96
C ALA A 128 1.50 10.04 -2.20
N ALA A 129 0.24 10.37 -1.92
CA ALA A 129 -0.86 9.45 -2.15
C ALA A 129 -2.07 10.20 -2.68
N LEU A 130 -2.76 9.58 -3.62
CA LEU A 130 -3.97 10.11 -4.23
C LEU A 130 -5.09 9.12 -3.94
N LEU A 131 -6.10 9.58 -3.20
CA LEU A 131 -7.10 8.69 -2.63
C LEU A 131 -8.47 8.77 -3.31
N SER A 132 -9.06 7.59 -3.56
CA SER A 132 -10.46 7.41 -3.90
C SER A 132 -11.04 6.34 -2.99
N PRO A 133 -12.36 6.19 -2.93
CA PRO A 133 -12.89 5.24 -1.94
C PRO A 133 -12.50 3.80 -2.20
N TYR A 134 -12.33 3.37 -3.45
CA TYR A 134 -11.96 2.00 -3.77
C TYR A 134 -10.59 1.88 -4.44
N SER A 135 -9.77 2.93 -4.37
CA SER A 135 -8.50 2.90 -5.07
C SER A 135 -7.57 3.94 -4.49
N TYR A 136 -6.26 3.69 -4.56
CA TYR A 136 -5.31 4.75 -4.27
C TYR A 136 -4.06 4.52 -5.11
N SER A 137 -3.32 5.58 -5.32
N SER A 137 -3.33 5.60 -5.30
CA SER A 137 -2.01 5.49 -5.90
CA SER A 137 -2.03 5.64 -5.95
C SER A 137 -1.02 6.24 -5.02
C SER A 137 -1.05 6.20 -4.92
N THR A 138 0.20 5.73 -4.98
CA THR A 138 1.25 6.30 -4.17
C THR A 138 2.51 6.37 -4.99
N THR A 139 3.28 7.43 -4.72
N THR A 139 3.28 7.43 -4.76
CA THR A 139 4.57 7.59 -5.35
CA THR A 139 4.57 7.62 -5.43
C THR A 139 5.57 8.01 -4.30
C THR A 139 5.54 8.25 -4.45
N ALA A 140 6.82 8.06 -4.71
CA ALA A 140 7.88 8.61 -3.89
C ALA A 140 8.71 9.56 -4.75
N VAL A 141 9.03 10.69 -4.17
CA VAL A 141 10.01 11.62 -4.73
C VAL A 141 11.19 11.64 -3.78
N VAL A 142 12.35 11.22 -4.27
CA VAL A 142 13.55 11.06 -3.46
C VAL A 142 14.59 12.01 -3.99
N THR A 143 15.13 12.87 -3.12
CA THR A 143 16.13 13.84 -3.53
C THR A 143 17.35 13.74 -2.63
N ASN A 144 18.48 14.19 -3.15
CA ASN A 144 19.76 14.11 -2.46
C ASN A 144 20.18 15.53 -2.10
N PRO A 145 20.17 15.92 -0.81
CA PRO A 145 20.48 17.31 -0.43
C PRO A 145 21.93 17.73 -0.68
N CYS B 30 -14.49 -18.49 -7.45
CA CYS B 30 -13.26 -17.73 -7.19
CA CYS B 30 -13.26 -17.74 -7.18
C CYS B 30 -13.60 -16.39 -6.57
N PRO B 31 -13.63 -16.31 -5.24
CA PRO B 31 -14.02 -15.06 -4.60
C PRO B 31 -12.94 -14.00 -4.58
N LEU B 32 -11.69 -14.35 -4.83
CA LEU B 32 -10.58 -13.42 -4.77
C LEU B 32 -9.62 -13.68 -5.92
N MET B 33 -9.39 -12.66 -6.74
CA MET B 33 -8.43 -12.72 -7.83
CA MET B 33 -8.43 -12.72 -7.83
C MET B 33 -7.49 -11.52 -7.71
N VAL B 34 -6.23 -11.72 -8.06
CA VAL B 34 -5.22 -10.65 -8.04
C VAL B 34 -4.65 -10.51 -9.43
N LYS B 35 -4.57 -9.26 -9.91
CA LYS B 35 -4.07 -8.95 -11.25
CA LYS B 35 -4.08 -8.94 -11.25
C LYS B 35 -3.00 -7.88 -11.10
N VAL B 36 -1.86 -8.09 -11.77
CA VAL B 36 -0.72 -7.18 -11.66
C VAL B 36 -0.24 -6.78 -13.04
N LEU B 37 -0.05 -5.47 -13.25
N LEU B 37 -0.05 -5.47 -13.25
CA LEU B 37 0.36 -4.92 -14.53
CA LEU B 37 0.34 -4.88 -14.51
C LEU B 37 1.63 -4.09 -14.37
C LEU B 37 1.67 -4.13 -14.34
N ASP B 38 2.42 -4.01 -15.45
CA ASP B 38 3.71 -3.31 -15.49
C ASP B 38 3.57 -2.07 -16.35
N ALA B 39 3.71 -0.91 -15.74
CA ALA B 39 3.55 0.39 -16.40
C ALA B 39 4.77 0.85 -17.16
N VAL B 40 5.92 0.18 -17.00
CA VAL B 40 7.13 0.51 -17.74
C VAL B 40 7.14 -0.17 -19.09
N ARG B 41 6.72 -1.41 -19.15
CA ARG B 41 6.72 -2.16 -20.40
C ARG B 41 5.34 -2.26 -21.03
N GLY B 42 4.29 -1.93 -20.31
CA GLY B 42 2.96 -2.00 -20.87
C GLY B 42 2.54 -3.45 -21.08
N SER B 43 2.60 -4.24 -20.01
N SER B 43 2.63 -4.24 -20.02
CA SER B 43 2.43 -5.66 -20.11
CA SER B 43 2.43 -5.67 -20.14
C SER B 43 1.86 -6.18 -18.82
C SER B 43 1.92 -6.21 -18.82
N PRO B 44 1.35 -7.41 -18.81
CA PRO B 44 1.13 -8.10 -17.53
CA PRO B 44 1.13 -8.08 -17.53
C PRO B 44 2.45 -8.21 -16.79
N ALA B 45 2.37 -8.22 -15.46
CA ALA B 45 3.54 -8.50 -14.61
C ALA B 45 3.52 -9.99 -14.30
N ILE B 46 4.41 -10.73 -14.93
CA ILE B 46 4.41 -12.19 -14.92
C ILE B 46 5.34 -12.71 -13.82
N ASN B 47 4.95 -13.82 -13.20
N ASN B 47 4.94 -13.80 -13.18
CA ASN B 47 5.76 -14.49 -12.19
CA ASN B 47 5.74 -14.51 -12.17
C ASN B 47 6.05 -13.58 -11.01
C ASN B 47 5.97 -13.69 -10.91
N VAL B 48 5.05 -12.79 -10.60
CA VAL B 48 5.12 -12.00 -9.38
C VAL B 48 4.57 -12.84 -8.24
N ALA B 49 5.33 -12.97 -7.14
CA ALA B 49 4.84 -13.67 -5.95
C ALA B 49 3.83 -12.81 -5.19
N VAL B 50 2.75 -13.45 -4.77
CA VAL B 50 1.65 -12.83 -4.06
C VAL B 50 1.34 -13.70 -2.85
N HIS B 51 1.30 -13.09 -1.67
CA HIS B 51 0.97 -13.76 -0.43
C HIS B 51 -0.23 -13.08 0.20
N VAL B 52 -1.23 -13.85 0.57
CA VAL B 52 -2.43 -13.36 1.22
C VAL B 52 -2.43 -13.86 2.65
N PHE B 53 -2.82 -12.99 3.55
CA PHE B 53 -2.91 -13.25 4.97
C PHE B 53 -4.27 -12.84 5.50
N ARG B 54 -4.70 -13.47 6.58
N ARG B 54 -4.68 -13.50 6.56
CA ARG B 54 -5.94 -13.11 7.25
CA ARG B 54 -5.87 -13.15 7.32
C ARG B 54 -5.63 -12.71 8.69
C ARG B 54 -5.44 -12.56 8.66
N LYS B 55 -6.17 -11.56 9.11
CA LYS B 55 -5.92 -11.04 10.45
C LYS B 55 -6.56 -11.97 11.50
N ALA B 56 -5.74 -12.43 12.43
CA ALA B 56 -6.18 -13.33 13.49
C ALA B 56 -6.71 -12.53 14.67
N ALA B 57 -7.34 -13.25 15.61
CA ALA B 57 -7.95 -12.59 16.76
C ALA B 57 -6.94 -11.79 17.59
N ASP B 58 -5.69 -12.24 17.65
CA ASP B 58 -4.63 -11.54 18.37
C ASP B 58 -3.91 -10.47 17.54
N ASP B 59 -4.49 -10.08 16.41
CA ASP B 59 -3.99 -9.02 15.54
C ASP B 59 -2.75 -9.39 14.74
N THR B 60 -2.31 -10.64 14.77
CA THR B 60 -1.25 -11.08 13.89
C THR B 60 -1.81 -11.47 12.52
N TRP B 61 -0.91 -11.63 11.55
CA TRP B 61 -1.27 -11.97 10.18
C TRP B 61 -0.99 -13.45 9.95
N GLU B 62 -2.02 -14.20 9.67
CA GLU B 62 -1.88 -15.64 9.47
C GLU B 62 -1.83 -15.95 7.98
N PRO B 63 -0.86 -16.72 7.52
CA PRO B 63 -0.86 -17.13 6.12
C PRO B 63 -2.19 -17.74 5.70
N PHE B 64 -2.67 -17.34 4.52
CA PHE B 64 -3.96 -17.76 4.00
C PHE B 64 -3.88 -18.40 2.64
N ALA B 65 -3.15 -17.83 1.70
CA ALA B 65 -3.03 -18.34 0.35
C ALA B 65 -1.88 -17.62 -0.33
N SER B 66 -1.30 -18.25 -1.34
CA SER B 66 -0.23 -17.62 -2.10
C SER B 66 -0.10 -18.24 -3.47
N GLY B 67 0.64 -17.56 -4.34
CA GLY B 67 0.90 -18.06 -5.67
C GLY B 67 1.78 -17.08 -6.43
N LYS B 68 1.96 -17.35 -7.72
CA LYS B 68 2.68 -16.46 -8.61
C LYS B 68 1.77 -16.08 -9.77
N THR B 69 1.83 -14.83 -10.21
CA THR B 69 0.99 -14.45 -11.36
C THR B 69 1.39 -15.22 -12.61
N SER B 70 0.38 -15.48 -13.41
CA SER B 70 0.49 -16.19 -14.66
C SER B 70 1.03 -15.29 -15.78
N GLU B 71 1.08 -15.86 -16.99
CA GLU B 71 1.51 -15.09 -18.16
CA GLU B 71 1.51 -15.08 -18.16
C GLU B 71 0.56 -13.93 -18.47
N SER B 72 -0.65 -13.94 -17.94
CA SER B 72 -1.61 -12.86 -18.10
C SER B 72 -1.56 -11.86 -16.96
N GLY B 73 -0.63 -12.04 -16.01
CA GLY B 73 -0.56 -11.18 -14.87
C GLY B 73 -1.58 -11.48 -13.81
N GLU B 74 -2.30 -12.59 -13.92
CA GLU B 74 -3.39 -12.91 -13.01
C GLU B 74 -3.02 -14.09 -12.14
N LEU B 75 -3.62 -14.10 -10.96
CA LEU B 75 -3.49 -15.19 -10.02
C LEU B 75 -4.90 -15.56 -9.60
N HIS B 76 -5.34 -16.74 -10.09
CA HIS B 76 -6.63 -17.33 -9.81
C HIS B 76 -6.45 -18.47 -8.82
N GLY B 77 -7.56 -18.90 -8.26
CA GLY B 77 -7.52 -20.12 -7.46
C GLY B 77 -7.00 -19.96 -6.06
N LEU B 78 -6.89 -18.74 -5.55
CA LEU B 78 -6.31 -18.53 -4.24
C LEU B 78 -7.15 -19.16 -3.14
N THR B 79 -8.48 -19.05 -3.23
CA THR B 79 -9.32 -19.51 -2.13
C THR B 79 -10.66 -20.00 -2.67
N THR B 80 -11.51 -20.39 -1.72
CA THR B 80 -12.82 -20.91 -2.01
C THR B 80 -13.83 -20.04 -1.28
N GLU B 81 -15.08 -20.07 -1.76
CA GLU B 81 -16.13 -19.34 -1.04
C GLU B 81 -16.25 -19.81 0.41
N GLU B 82 -16.09 -21.12 0.63
CA GLU B 82 -16.23 -21.64 2.00
C GLU B 82 -15.16 -21.06 2.93
N GLU B 83 -13.94 -20.93 2.45
CA GLU B 83 -12.81 -20.50 3.27
CA GLU B 83 -12.81 -20.50 3.27
C GLU B 83 -12.74 -18.98 3.44
N PHE B 84 -13.27 -18.22 2.49
CA PHE B 84 -13.10 -16.77 2.45
C PHE B 84 -14.21 -16.05 3.23
N VAL B 85 -14.13 -16.20 4.55
CA VAL B 85 -15.12 -15.63 5.46
C VAL B 85 -14.85 -14.14 5.67
N GLU B 86 -15.81 -13.44 6.24
CA GLU B 86 -15.63 -12.03 6.57
C GLU B 86 -14.41 -11.86 7.47
N GLY B 87 -13.73 -10.75 7.29
CA GLY B 87 -12.58 -10.42 8.10
C GLY B 87 -11.66 -9.50 7.32
N ILE B 88 -10.54 -9.19 7.94
CA ILE B 88 -9.53 -8.33 7.33
C ILE B 88 -8.46 -9.20 6.70
N TYR B 89 -8.12 -8.90 5.46
CA TYR B 89 -7.12 -9.62 4.69
C TYR B 89 -6.04 -8.65 4.22
N LYS B 90 -4.84 -9.19 4.04
CA LYS B 90 -3.72 -8.46 3.47
C LYS B 90 -3.19 -9.24 2.28
N VAL B 91 -3.06 -8.57 1.15
CA VAL B 91 -2.47 -9.07 -0.06
C VAL B 91 -1.11 -8.39 -0.21
N GLU B 92 -0.04 -9.16 -0.13
CA GLU B 92 1.31 -8.64 -0.28
CA GLU B 92 1.32 -8.65 -0.27
C GLU B 92 1.85 -9.08 -1.64
N ILE B 93 2.30 -8.11 -2.44
CA ILE B 93 2.77 -8.34 -3.81
C ILE B 93 4.27 -8.06 -3.80
N ASP B 94 5.08 -9.07 -4.18
N ASP B 94 5.08 -9.03 -4.21
CA ASP B 94 6.53 -8.94 -4.10
CA ASP B 94 6.53 -8.93 -4.05
C ASP B 94 7.05 -8.18 -5.32
C ASP B 94 7.15 -8.18 -5.24
N THR B 95 6.89 -6.87 -5.26
CA THR B 95 7.32 -6.01 -6.33
C THR B 95 8.83 -5.86 -6.41
N LYS B 96 9.53 -5.88 -5.27
CA LYS B 96 10.96 -5.66 -5.31
C LYS B 96 11.65 -6.74 -6.14
N SER B 97 11.30 -8.01 -5.89
CA SER B 97 11.91 -9.09 -6.65
C SER B 97 11.56 -9.02 -8.11
N TYR B 98 10.35 -8.55 -8.43
CA TYR B 98 9.93 -8.41 -9.82
C TYR B 98 10.86 -7.45 -10.56
N TRP B 99 11.05 -6.25 -9.98
CA TRP B 99 11.88 -5.26 -10.66
C TRP B 99 13.34 -5.71 -10.72
N LYS B 100 13.84 -6.29 -9.65
CA LYS B 100 15.23 -6.72 -9.67
C LYS B 100 15.49 -7.79 -10.72
N ALA B 101 14.53 -8.69 -10.94
CA ALA B 101 14.71 -9.71 -11.97
C ALA B 101 14.80 -9.11 -13.36
N LEU B 102 14.22 -7.92 -13.54
CA LEU B 102 14.30 -7.15 -14.76
C LEU B 102 15.51 -6.26 -14.80
N GLY B 103 16.33 -6.28 -13.76
CA GLY B 103 17.51 -5.44 -13.75
C GLY B 103 17.24 -3.99 -13.43
N ILE B 104 16.15 -3.70 -12.71
CA ILE B 104 15.72 -2.35 -12.38
C ILE B 104 15.72 -2.19 -10.86
N SER B 105 16.20 -1.04 -10.38
CA SER B 105 16.24 -0.77 -8.94
C SER B 105 14.95 -0.10 -8.48
N PRO B 106 14.16 -0.72 -7.61
CA PRO B 106 12.87 -0.11 -7.26
C PRO B 106 12.82 0.51 -5.88
N PHE B 107 11.79 1.28 -5.58
CA PHE B 107 11.71 1.98 -4.30
C PHE B 107 11.14 1.10 -3.17
N HIS B 108 10.04 0.40 -3.43
CA HIS B 108 9.29 -0.23 -2.37
C HIS B 108 9.82 -1.63 -2.09
N GLU B 109 9.65 -2.08 -0.83
CA GLU B 109 9.95 -3.48 -0.48
C GLU B 109 8.91 -4.43 -1.06
N HIS B 110 7.66 -4.01 -1.07
CA HIS B 110 6.55 -4.79 -1.58
C HIS B 110 5.39 -3.81 -1.66
N ALA B 111 4.31 -4.24 -2.29
CA ALA B 111 3.05 -3.50 -2.27
C ALA B 111 2.11 -4.30 -1.39
N GLU B 112 1.36 -3.62 -0.55
CA GLU B 112 0.44 -4.24 0.41
C GLU B 112 -0.95 -3.66 0.17
N VAL B 113 -1.94 -4.52 0.16
CA VAL B 113 -3.33 -4.10 0.03
C VAL B 113 -4.08 -4.74 1.19
N VAL B 114 -4.67 -3.92 2.05
CA VAL B 114 -5.33 -4.38 3.28
C VAL B 114 -6.79 -3.95 3.21
N PHE B 115 -7.72 -4.89 3.40
CA PHE B 115 -9.14 -4.59 3.20
C PHE B 115 -9.98 -5.55 4.02
N THR B 116 -11.23 -5.17 4.23
CA THR B 116 -12.22 -6.04 4.88
C THR B 116 -13.11 -6.70 3.83
N ALA B 117 -13.23 -8.03 3.92
CA ALA B 117 -14.21 -8.78 3.15
C ALA B 117 -15.54 -8.69 3.89
N ASN B 118 -16.61 -8.32 3.20
CA ASN B 118 -17.93 -8.04 3.77
CA ASN B 118 -17.92 -8.09 3.80
C ASN B 118 -18.97 -8.82 2.99
N ASP B 119 -19.79 -9.62 3.66
CA ASP B 119 -20.77 -10.46 2.97
C ASP B 119 -21.93 -9.65 2.42
C ASP B 119 -21.93 -9.65 2.42
N SER B 120 -22.14 -8.42 2.90
CA SER B 120 -23.23 -7.60 2.39
C SER B 120 -22.97 -7.13 0.97
N GLY B 121 -21.72 -6.78 0.66
CA GLY B 121 -21.39 -6.31 -0.66
C GLY B 121 -21.40 -7.43 -1.68
N PRO B 122 -21.03 -7.11 -2.92
CA PRO B 122 -20.91 -8.16 -3.94
C PRO B 122 -19.84 -9.17 -3.57
N ARG B 123 -19.91 -10.34 -4.23
CA ARG B 123 -19.23 -11.54 -3.75
C ARG B 123 -17.85 -11.77 -4.33
N ARG B 124 -17.50 -11.14 -5.46
CA ARG B 124 -16.24 -11.42 -6.14
C ARG B 124 -15.32 -10.21 -6.05
N TYR B 125 -14.10 -10.42 -5.58
CA TYR B 125 -13.14 -9.34 -5.35
C TYR B 125 -11.98 -9.52 -6.33
N THR B 126 -11.73 -8.50 -7.16
CA THR B 126 -10.50 -8.42 -7.93
C THR B 126 -9.67 -7.31 -7.33
N ILE B 127 -8.46 -7.64 -6.91
CA ILE B 127 -7.48 -6.67 -6.44
C ILE B 127 -6.49 -6.48 -7.59
N ALA B 128 -6.45 -5.28 -8.16
CA ALA B 128 -5.58 -4.99 -9.27
C ALA B 128 -4.49 -4.03 -8.81
N ALA B 129 -3.27 -4.21 -9.33
CA ALA B 129 -2.13 -3.36 -9.02
C ALA B 129 -1.37 -3.02 -10.29
N LEU B 130 -1.03 -1.73 -10.46
CA LEU B 130 -0.28 -1.22 -11.61
C LEU B 130 1.05 -0.71 -11.09
N LEU B 131 2.13 -1.33 -11.54
CA LEU B 131 3.46 -1.13 -10.96
C LEU B 131 4.38 -0.27 -11.79
N SER B 132 5.07 0.68 -11.13
CA SER B 132 6.22 1.39 -11.66
C SER B 132 7.33 1.30 -10.62
N PRO B 133 8.58 1.62 -10.99
CA PRO B 133 9.68 1.45 -10.02
C PRO B 133 9.49 2.25 -8.74
N TYR B 134 9.00 3.48 -8.83
CA TYR B 134 8.85 4.37 -7.67
C TYR B 134 7.39 4.67 -7.34
N SER B 135 6.46 3.90 -7.88
CA SER B 135 5.03 4.18 -7.67
CA SER B 135 5.04 4.18 -7.66
C SER B 135 4.21 2.93 -7.90
N TYR B 136 3.06 2.86 -7.24
CA TYR B 136 2.07 1.88 -7.65
C TYR B 136 0.69 2.40 -7.35
N SER B 137 -0.27 1.86 -8.06
N SER B 137 -0.29 1.81 -8.04
N SER B 137 -0.28 1.86 -8.09
CA SER B 137 -1.65 2.13 -7.74
CA SER B 137 -1.71 2.15 -7.97
CA SER B 137 -1.69 2.14 -7.91
C SER B 137 -2.35 0.79 -7.57
C SER B 137 -2.49 0.86 -7.79
C SER B 137 -2.41 0.82 -7.69
N THR B 138 -3.46 0.85 -6.88
CA THR B 138 -4.28 -0.32 -6.65
C THR B 138 -5.73 0.04 -6.62
N THR B 139 -6.54 -0.93 -7.02
N THR B 139 -6.57 -0.82 -7.17
CA THR B 139 -7.96 -0.74 -7.24
CA THR B 139 -8.03 -0.64 -7.10
C THR B 139 -8.67 -2.05 -6.93
C THR B 139 -8.63 -2.00 -6.78
N ALA B 140 -9.86 -1.93 -6.36
CA ALA B 140 -10.68 -3.09 -6.09
C ALA B 140 -11.87 -3.01 -7.03
N VAL B 141 -12.14 -4.12 -7.70
CA VAL B 141 -13.32 -4.27 -8.53
C VAL B 141 -14.13 -5.37 -7.87
N VAL B 142 -15.27 -5.01 -7.29
CA VAL B 142 -16.06 -5.94 -6.45
C VAL B 142 -17.41 -6.10 -7.12
N THR B 143 -17.72 -7.32 -7.57
CA THR B 143 -18.90 -7.55 -8.41
C THR B 143 -19.63 -8.82 -7.97
N ASN B 144 -20.87 -8.97 -8.47
CA ASN B 144 -21.63 -10.22 -8.37
C ASN B 144 -21.63 -10.91 -9.72
#